data_3VTG
#
_entry.id   3VTG
#
_cell.length_a   99.006
_cell.length_b   30.461
_cell.length_c   79.653
_cell.angle_alpha   90.000
_cell.angle_beta   123.690
_cell.angle_gamma   90.000
#
_symmetry.space_group_name_H-M   'C 1 2 1'
#
loop_
_entity.id
_entity.type
_entity.pdbx_description
1 polymer 'High choriolytic enzyme 1'
2 non-polymer 'ZINC ION'
3 water water
#
_entity_poly.entity_id   1
_entity_poly.type   'polypeptide(L)'
_entity_poly.pdbx_seq_one_letter_code
;NAMKCWSSSCFWKKASNGLVVIPYVISSEYSGGEVATIEGAMRAFNGKTCIRFVRRTNEYDFISVVSKTGCYSELGRKGG
QQELSINRGGCMYSGIIQHELNHALGFQHEQTRSDRDSYVRINWENIIPASAYNFNKHDTNNLNTPYDYSSIMHYGRDAF
SIAYGRDSITPIPNPNVPIGQRNGMSRWDITRINVLYNCR
;
_entity_poly.pdbx_strand_id   A
#
loop_
_chem_comp.id
_chem_comp.type
_chem_comp.name
_chem_comp.formula
ZN non-polymer 'ZINC ION' 'Zn 2'
#
# COMPACT_ATOMS: atom_id res chain seq x y z
N ASN A 1 -4.90 5.48 -7.99
CA ASN A 1 -3.59 5.54 -7.27
C ASN A 1 -2.61 4.45 -7.71
N ALA A 2 -2.96 3.70 -8.74
CA ALA A 2 -2.06 2.68 -9.29
C ALA A 2 -0.93 3.34 -10.08
N MET A 3 0.24 2.71 -10.08
CA MET A 3 1.34 3.16 -10.91
C MET A 3 0.98 2.95 -12.38
N LYS A 4 1.50 3.84 -13.24
CA LYS A 4 1.29 3.72 -14.67
C LYS A 4 2.44 2.97 -15.31
N CYS A 5 2.16 1.76 -15.78
CA CYS A 5 3.08 0.99 -16.60
C CYS A 5 2.25 0.15 -17.53
N TRP A 6 2.58 0.21 -18.82
CA TRP A 6 1.80 -0.44 -19.85
C TRP A 6 2.08 -1.92 -19.96
N SER A 7 3.30 -2.31 -19.63
CA SER A 7 3.81 -3.66 -19.93
C SER A 7 3.32 -4.77 -19.02
N SER A 8 3.11 -4.47 -17.75
CA SER A 8 2.69 -5.48 -16.76
C SER A 8 3.76 -6.54 -16.46
N SER A 9 4.95 -6.39 -17.08
CA SER A 9 6.17 -6.92 -16.48
C SER A 9 6.33 -6.18 -15.15
N CYS A 10 5.64 -5.04 -15.09
CA CYS A 10 5.58 -4.16 -13.92
C CYS A 10 4.66 -4.66 -12.82
N PHE A 11 3.77 -5.60 -13.15
CA PHE A 11 2.77 -6.09 -12.21
C PHE A 11 2.90 -7.60 -12.04
N TRP A 12 2.32 -8.13 -10.97
CA TRP A 12 2.34 -9.58 -10.73
C TRP A 12 1.54 -10.30 -11.77
N LYS A 13 2.03 -11.47 -12.18
CA LYS A 13 1.44 -12.24 -13.26
C LYS A 13 0.13 -12.89 -12.87
N LYS A 14 -0.85 -12.82 -13.76
CA LYS A 14 -2.11 -13.50 -13.58
C LYS A 14 -2.09 -14.84 -14.31
N ALA A 15 -2.45 -15.91 -13.60
CA ALA A 15 -2.50 -17.24 -14.18
C ALA A 15 -3.76 -17.39 -15.02
N SER A 16 -3.81 -18.45 -15.82
CA SER A 16 -4.96 -18.74 -16.66
C SER A 16 -6.23 -19.03 -15.86
N ASN A 17 -6.05 -19.54 -14.63
CA ASN A 17 -7.18 -19.77 -13.72
C ASN A 17 -7.65 -18.50 -13.00
N GLY A 18 -7.01 -17.38 -13.31
CA GLY A 18 -7.42 -16.07 -12.79
C GLY A 18 -6.68 -15.60 -11.55
N LEU A 19 -6.06 -16.51 -10.83
CA LEU A 19 -5.37 -16.17 -9.60
C LEU A 19 -4.03 -15.49 -9.86
N VAL A 20 -3.73 -14.48 -9.04
CA VAL A 20 -2.45 -13.80 -9.07
C VAL A 20 -1.66 -14.29 -7.86
N VAL A 21 -0.78 -15.25 -8.11
CA VAL A 21 -0.07 -15.96 -7.05
C VAL A 21 1.28 -15.28 -6.83
N ILE A 22 1.46 -14.72 -5.64
CA ILE A 22 2.64 -13.93 -5.32
C ILE A 22 3.46 -14.64 -4.26
N PRO A 23 4.64 -15.16 -4.64
CA PRO A 23 5.48 -15.89 -3.70
C PRO A 23 6.22 -14.97 -2.75
N TYR A 24 6.46 -15.45 -1.54
CA TYR A 24 7.17 -14.67 -0.53
C TYR A 24 8.02 -15.54 0.38
N VAL A 25 9.02 -14.91 1.00
CA VAL A 25 9.77 -15.50 2.11
C VAL A 25 9.73 -14.51 3.27
N ILE A 26 9.74 -15.04 4.49
CA ILE A 26 9.75 -14.21 5.69
C ILE A 26 11.04 -14.47 6.46
N SER A 27 11.77 -13.40 6.73
CA SER A 27 13.07 -13.48 7.43
C SER A 27 13.03 -14.36 8.68
N SER A 28 14.08 -15.15 8.87
CA SER A 28 14.24 -15.99 10.06
C SER A 28 14.31 -15.18 11.36
N GLU A 29 14.52 -13.86 11.25
CA GLU A 29 14.52 -12.99 12.42
C GLU A 29 13.18 -12.99 13.16
N TYR A 30 12.10 -13.12 12.40
CA TYR A 30 10.76 -13.10 12.98
C TYR A 30 10.45 -14.38 13.75
N SER A 31 9.82 -14.23 14.91
CA SER A 31 9.30 -15.37 15.68
C SER A 31 8.12 -15.99 14.95
N GLY A 32 7.73 -17.19 15.37
CA GLY A 32 6.55 -17.87 14.82
C GLY A 32 5.29 -17.02 14.90
N GLY A 33 5.11 -16.32 16.01
CA GLY A 33 3.97 -15.44 16.21
C GLY A 33 3.95 -14.29 15.22
N GLU A 34 5.13 -13.72 14.95
CA GLU A 34 5.26 -12.61 14.01
C GLU A 34 5.00 -13.06 12.56
N VAL A 35 5.52 -14.23 12.20
CA VAL A 35 5.21 -14.86 10.92
C VAL A 35 3.69 -15.00 10.76
N ALA A 36 3.04 -15.49 11.82
CA ALA A 36 1.59 -15.68 11.82
C ALA A 36 0.83 -14.37 11.61
N THR A 37 1.33 -13.28 12.19
CA THR A 37 0.73 -11.96 12.01
C THR A 37 0.81 -11.51 10.55
N ILE A 38 1.98 -11.69 9.95
CA ILE A 38 2.20 -11.34 8.54
C ILE A 38 1.29 -12.18 7.63
N GLU A 39 1.25 -13.48 7.86
CA GLU A 39 0.42 -14.37 7.05
C GLU A 39 -1.07 -14.11 7.27
N GLY A 40 -1.44 -13.71 8.48
CA GLY A 40 -2.82 -13.31 8.78
C GLY A 40 -3.26 -12.12 7.96
N ALA A 41 -2.38 -11.11 7.86
CA ALA A 41 -2.64 -9.93 7.05
C ALA A 41 -2.78 -10.27 5.57
N MET A 42 -1.97 -11.23 5.11
CA MET A 42 -2.03 -11.70 3.73
C MET A 42 -3.38 -12.33 3.40
N ARG A 43 -3.98 -13.00 4.39
CA ARG A 43 -5.28 -13.65 4.19
C ARG A 43 -6.41 -12.66 3.92
N ALA A 44 -6.22 -11.40 4.30
CA ALA A 44 -7.22 -10.35 4.06
C ALA A 44 -7.53 -10.15 2.58
N PHE A 45 -6.64 -10.61 1.71
CA PHE A 45 -6.82 -10.47 0.27
C PHE A 45 -7.65 -11.60 -0.34
N ASN A 46 -7.82 -12.70 0.41
CA ASN A 46 -8.43 -13.92 -0.13
C ASN A 46 -9.93 -13.87 -0.41
N GLY A 47 -10.69 -13.21 0.46
CA GLY A 47 -12.14 -13.23 0.40
C GLY A 47 -12.76 -12.50 -0.79
N LYS A 48 -12.16 -11.38 -1.18
CA LYS A 48 -12.77 -10.49 -2.16
C LYS A 48 -11.87 -10.10 -3.35
N THR A 49 -10.67 -10.67 -3.42
CA THR A 49 -9.79 -10.47 -4.60
C THR A 49 -9.24 -11.80 -5.14
N CYS A 50 -8.57 -11.72 -6.29
CA CYS A 50 -7.92 -12.88 -6.89
C CYS A 50 -6.42 -12.97 -6.55
N ILE A 51 -5.99 -12.14 -5.61
CA ILE A 51 -4.60 -12.13 -5.12
C ILE A 51 -4.40 -13.25 -4.09
N ARG A 52 -3.34 -14.03 -4.27
CA ARG A 52 -2.95 -15.06 -3.31
C ARG A 52 -1.46 -14.98 -2.99
N PHE A 53 -1.13 -14.55 -1.78
CA PHE A 53 0.25 -14.60 -1.30
C PHE A 53 0.54 -16.01 -0.81
N VAL A 54 1.57 -16.65 -1.38
CA VAL A 54 1.94 -18.02 -1.02
C VAL A 54 3.42 -18.13 -0.69
N ARG A 55 3.77 -19.03 0.22
CA ARG A 55 5.16 -19.29 0.52
C ARG A 55 5.91 -19.69 -0.75
N ARG A 56 7.07 -19.07 -0.96
CA ARG A 56 7.90 -19.34 -2.12
C ARG A 56 8.41 -20.78 -2.11
N THR A 57 8.48 -21.37 -3.30
CA THR A 57 9.20 -22.60 -3.52
C THR A 57 10.55 -22.22 -4.13
N ASN A 58 10.57 -21.96 -5.43
CA ASN A 58 11.79 -21.49 -6.10
C ASN A 58 11.48 -20.49 -7.22
N GLU A 59 10.34 -19.81 -7.12
CA GLU A 59 9.94 -18.82 -8.12
C GLU A 59 10.97 -17.69 -8.21
N TYR A 60 11.17 -17.17 -9.40
CA TYR A 60 12.15 -16.11 -9.60
C TYR A 60 11.73 -14.78 -8.98
N ASP A 61 10.50 -14.34 -9.24
CA ASP A 61 9.98 -13.10 -8.66
C ASP A 61 9.31 -13.38 -7.34
N PHE A 62 9.77 -12.73 -6.27
CA PHE A 62 9.21 -12.97 -4.95
C PHE A 62 9.45 -11.81 -4.01
N ILE A 63 8.63 -11.75 -2.96
CA ILE A 63 8.76 -10.74 -1.92
C ILE A 63 9.57 -11.31 -0.75
N SER A 64 10.57 -10.57 -0.31
CA SER A 64 11.35 -10.92 0.86
C SER A 64 10.98 -9.98 2.00
N VAL A 65 10.27 -10.51 2.99
CA VAL A 65 9.83 -9.71 4.13
C VAL A 65 10.94 -9.66 5.18
N VAL A 66 11.39 -8.45 5.49
CA VAL A 66 12.53 -8.22 6.37
C VAL A 66 12.22 -7.14 7.39
N SER A 67 12.88 -7.19 8.55
CA SER A 67 12.71 -6.14 9.55
C SER A 67 13.80 -5.10 9.39
N LYS A 68 13.57 -4.12 8.53
CA LYS A 68 14.52 -3.03 8.34
C LYS A 68 13.94 -1.72 8.89
N THR A 69 14.38 -0.59 8.36
CA THR A 69 13.97 0.71 8.88
C THR A 69 12.54 1.04 8.46
N GLY A 70 11.63 1.01 9.43
CA GLY A 70 10.24 1.38 9.20
C GLY A 70 9.44 0.36 8.41
N CYS A 71 8.32 0.82 7.86
CA CYS A 71 7.42 -0.01 7.07
C CYS A 71 7.43 0.51 5.64
N TYR A 72 7.89 -0.33 4.70
CA TYR A 72 7.97 0.07 3.29
C TYR A 72 7.93 -1.13 2.34
N SER A 73 7.67 -0.82 1.08
CA SER A 73 7.69 -1.82 0.01
C SER A 73 8.04 -1.15 -1.30
N GLU A 74 8.61 -1.94 -2.21
CA GLU A 74 8.73 -1.55 -3.60
C GLU A 74 7.34 -1.47 -4.22
N LEU A 75 7.20 -0.66 -5.27
CA LEU A 75 5.94 -0.52 -6.00
C LEU A 75 5.84 -1.50 -7.17
N GLY A 76 4.87 -2.41 -7.09
CA GLY A 76 4.66 -3.39 -8.15
C GLY A 76 5.69 -4.51 -8.12
N ARG A 77 5.70 -5.33 -9.17
CA ARG A 77 6.69 -6.39 -9.33
C ARG A 77 7.96 -5.80 -9.94
N LYS A 78 9.07 -5.93 -9.22
CA LYS A 78 10.34 -5.33 -9.63
C LYS A 78 11.24 -6.29 -10.39
N GLY A 79 10.94 -7.59 -10.28
CA GLY A 79 11.79 -8.61 -10.90
C GLY A 79 12.78 -9.18 -9.90
N GLY A 80 12.70 -10.49 -9.70
CA GLY A 80 13.56 -11.17 -8.75
C GLY A 80 13.17 -10.92 -7.31
N GLN A 81 14.17 -10.89 -6.44
CA GLN A 81 13.95 -10.62 -5.02
C GLN A 81 13.65 -9.15 -4.82
N GLN A 82 12.49 -8.85 -4.24
CA GLN A 82 12.18 -7.49 -3.82
C GLN A 82 11.82 -7.46 -2.35
N GLU A 83 12.35 -6.48 -1.64
CA GLU A 83 12.16 -6.40 -0.20
C GLU A 83 10.91 -5.65 0.19
N LEU A 84 10.33 -6.09 1.30
CA LEU A 84 9.22 -5.42 1.95
C LEU A 84 9.57 -5.40 3.43
N SER A 85 9.67 -4.20 4.00
CA SER A 85 10.06 -4.06 5.39
C SER A 85 8.86 -3.94 6.32
N ILE A 86 8.81 -4.86 7.28
CA ILE A 86 7.90 -4.76 8.41
C ILE A 86 8.79 -4.71 9.65
N ASN A 87 9.16 -3.51 10.07
CA ASN A 87 9.97 -3.37 11.28
C ASN A 87 9.22 -3.97 12.47
N ARG A 88 9.92 -4.82 13.22
CA ARG A 88 9.32 -5.55 14.34
C ARG A 88 8.76 -4.65 15.43
N GLY A 89 9.34 -3.46 15.57
CA GLY A 89 8.94 -2.52 16.62
C GLY A 89 7.76 -1.63 16.28
N GLY A 90 7.62 -1.28 15.01
CA GLY A 90 6.61 -0.29 14.62
C GLY A 90 5.60 -0.67 13.56
N CYS A 91 5.73 -1.87 13.00
CA CYS A 91 4.94 -2.23 11.82
C CYS A 91 4.12 -3.52 11.95
N MET A 92 4.23 -4.21 13.07
CA MET A 92 3.61 -5.55 13.21
C MET A 92 2.12 -5.45 13.55
N TYR A 93 1.36 -4.87 12.63
CA TYR A 93 -0.08 -4.67 12.77
C TYR A 93 -0.71 -4.99 11.43
N SER A 94 -1.84 -5.69 11.48
CA SER A 94 -2.47 -6.19 10.25
C SER A 94 -2.67 -5.11 9.18
N GLY A 95 -3.25 -3.97 9.57
CA GLY A 95 -3.55 -2.90 8.62
C GLY A 95 -2.32 -2.32 7.95
N ILE A 96 -1.25 -2.13 8.73
CA ILE A 96 0.02 -1.63 8.19
C ILE A 96 0.61 -2.64 7.20
N ILE A 97 0.57 -3.91 7.55
CA ILE A 97 1.09 -4.96 6.66
C ILE A 97 0.29 -5.00 5.36
N GLN A 98 -1.04 -4.91 5.46
CA GLN A 98 -1.91 -4.84 4.28
C GLN A 98 -1.59 -3.64 3.39
N HIS A 99 -1.35 -2.49 4.02
CA HIS A 99 -0.91 -1.27 3.33
C HIS A 99 0.33 -1.54 2.52
N GLU A 100 1.33 -2.17 3.14
CA GLU A 100 2.59 -2.49 2.45
C GLU A 100 2.40 -3.48 1.30
N LEU A 101 1.58 -4.49 1.52
CA LEU A 101 1.27 -5.46 0.48
C LEU A 101 0.59 -4.80 -0.72
N ASN A 102 -0.25 -3.80 -0.45
CA ASN A 102 -0.86 -3.00 -1.51
C ASN A 102 0.15 -2.22 -2.35
N HIS A 103 1.21 -1.69 -1.71
CA HIS A 103 2.32 -1.10 -2.45
C HIS A 103 2.93 -2.12 -3.38
N ALA A 104 3.18 -3.32 -2.86
CA ALA A 104 3.77 -4.40 -3.66
C ALA A 104 2.89 -4.76 -4.86
N LEU A 105 1.58 -4.59 -4.72
CA LEU A 105 0.65 -4.81 -5.83
C LEU A 105 0.70 -3.72 -6.91
N GLY A 106 1.20 -2.54 -6.53
CA GLY A 106 1.34 -1.42 -7.47
C GLY A 106 0.59 -0.15 -7.09
N PHE A 107 0.09 -0.07 -5.86
CA PHE A 107 -0.71 1.07 -5.42
C PHE A 107 0.07 2.08 -4.61
N GLN A 108 -0.21 3.35 -4.87
CA GLN A 108 0.48 4.47 -4.23
C GLN A 108 -0.41 5.15 -3.20
N HIS A 109 0.16 6.07 -2.43
CA HIS A 109 -0.59 6.79 -1.41
C HIS A 109 -1.69 7.61 -2.00
N GLU A 110 -2.86 7.57 -1.35
CA GLU A 110 -4.06 8.24 -1.85
C GLU A 110 -3.86 9.74 -2.10
N GLN A 111 -3.15 10.40 -1.19
CA GLN A 111 -2.98 11.85 -1.28
C GLN A 111 -2.10 12.30 -2.46
N THR A 112 -1.49 11.33 -3.16
CA THR A 112 -0.68 11.64 -4.34
C THR A 112 -1.42 11.42 -5.66
N ARG A 113 -2.69 11.02 -5.58
CA ARG A 113 -3.52 10.87 -6.78
C ARG A 113 -3.53 12.15 -7.62
N SER A 114 -3.64 12.00 -8.93
CA SER A 114 -3.62 13.14 -9.84
C SER A 114 -4.74 14.15 -9.57
N ASP A 115 -5.84 13.68 -8.98
CA ASP A 115 -7.00 14.52 -8.70
C ASP A 115 -7.07 15.02 -7.25
N ARG A 116 -6.00 14.83 -6.49
CA ARG A 116 -6.01 15.06 -5.04
C ARG A 116 -6.35 16.49 -4.59
N ASP A 117 -6.00 17.49 -5.40
CA ASP A 117 -6.25 18.89 -5.03
C ASP A 117 -7.74 19.25 -4.99
N SER A 118 -8.60 18.36 -5.48
CA SER A 118 -10.03 18.53 -5.36
C SER A 118 -10.59 17.94 -4.05
N TYR A 119 -9.72 17.34 -3.24
CA TYR A 119 -10.14 16.61 -2.04
C TYR A 119 -9.34 16.94 -0.79
N VAL A 120 -8.07 17.30 -0.99
CA VAL A 120 -7.19 17.67 0.13
C VAL A 120 -6.35 18.89 -0.22
N ARG A 121 -5.95 19.61 0.83
CA ARG A 121 -4.94 20.64 0.73
C ARG A 121 -3.68 20.10 1.41
N ILE A 122 -2.55 20.21 0.74
CA ILE A 122 -1.26 19.86 1.33
C ILE A 122 -0.69 21.12 1.96
N ASN A 123 -0.50 21.09 3.27
CA ASN A 123 0.04 22.24 3.99
C ASN A 123 1.57 22.13 4.10
N TRP A 124 2.22 22.52 3.00
CA TRP A 124 3.67 22.37 2.85
C TRP A 124 4.48 22.92 3.98
N GLU A 125 4.11 24.09 4.48
CA GLU A 125 4.84 24.74 5.58
C GLU A 125 4.80 23.94 6.89
N ASN A 126 3.85 23.01 7.00
CA ASN A 126 3.71 22.19 8.20
C ASN A 126 4.43 20.84 8.14
N ILE A 127 5.09 20.58 7.02
CA ILE A 127 5.68 19.26 6.77
C ILE A 127 7.19 19.26 6.97
N ILE A 128 7.69 18.24 7.65
CA ILE A 128 9.13 18.03 7.79
C ILE A 128 9.75 18.08 6.39
N PRO A 129 10.66 19.05 6.15
CA PRO A 129 11.16 19.27 4.78
C PRO A 129 11.68 18.01 4.08
N ALA A 130 12.46 17.20 4.78
CA ALA A 130 13.02 15.97 4.22
C ALA A 130 11.96 14.95 3.81
N SER A 131 10.73 15.13 4.31
CA SER A 131 9.64 14.18 4.06
C SER A 131 8.57 14.74 3.12
N ALA A 132 8.74 15.97 2.65
CA ALA A 132 7.76 16.63 1.79
C ALA A 132 7.50 15.89 0.49
N TYR A 133 8.52 15.19 -0.03
CA TYR A 133 8.39 14.46 -1.30
C TYR A 133 7.27 13.41 -1.27
N ASN A 134 6.95 12.91 -0.07
CA ASN A 134 5.89 11.92 0.12
C ASN A 134 4.50 12.47 -0.22
N PHE A 135 4.42 13.79 -0.41
CA PHE A 135 3.16 14.48 -0.68
C PHE A 135 3.09 14.99 -2.12
N ASN A 136 4.11 14.69 -2.92
CA ASN A 136 4.13 15.08 -4.34
C ASN A 136 3.02 14.39 -5.13
N LYS A 137 2.32 15.17 -5.94
CA LYS A 137 1.28 14.64 -6.83
C LYS A 137 1.89 13.77 -7.93
N HIS A 138 1.26 12.63 -8.22
CA HIS A 138 1.73 11.74 -9.28
C HIS A 138 0.67 11.53 -10.34
N ASP A 139 1.13 11.14 -11.52
CA ASP A 139 0.24 10.80 -12.63
C ASP A 139 -0.22 9.35 -12.46
N THR A 140 -1.24 9.18 -11.63
CA THR A 140 -1.70 7.87 -11.20
C THR A 140 -2.73 7.30 -12.17
N ASN A 141 -2.76 5.98 -12.28
CA ASN A 141 -3.86 5.30 -12.97
C ASN A 141 -4.95 5.06 -11.92
N ASN A 142 -5.99 5.88 -11.99
CA ASN A 142 -7.04 5.88 -10.97
C ASN A 142 -8.11 4.80 -11.17
N LEU A 143 -8.00 4.06 -12.27
CA LEU A 143 -8.81 2.87 -12.53
C LEU A 143 -10.33 3.13 -12.50
N ASN A 144 -10.71 4.34 -12.91
CA ASN A 144 -12.10 4.80 -12.87
C ASN A 144 -12.72 4.81 -11.48
N THR A 145 -11.87 4.84 -10.45
CA THR A 145 -12.32 4.93 -9.07
C THR A 145 -12.11 6.35 -8.55
N PRO A 146 -12.92 6.79 -7.56
CA PRO A 146 -12.81 8.14 -7.06
C PRO A 146 -11.80 8.26 -5.93
N TYR A 147 -11.46 9.49 -5.56
CA TYR A 147 -10.63 9.75 -4.40
C TYR A 147 -11.35 9.20 -3.17
N ASP A 148 -10.63 8.45 -2.35
CA ASP A 148 -11.22 7.77 -1.20
C ASP A 148 -10.50 8.18 0.10
N TYR A 149 -11.13 9.06 0.86
CA TYR A 149 -10.58 9.49 2.15
C TYR A 149 -10.35 8.31 3.09
N SER A 150 -11.15 7.25 2.92
CA SER A 150 -11.11 6.09 3.82
C SER A 150 -10.16 4.98 3.36
N SER A 151 -9.40 5.24 2.29
CA SER A 151 -8.44 4.27 1.77
C SER A 151 -7.36 3.95 2.79
N ILE A 152 -6.99 2.67 2.86
CA ILE A 152 -5.87 2.22 3.70
C ILE A 152 -4.55 2.83 3.23
N MET A 153 -4.57 3.46 2.05
CA MET A 153 -3.39 4.09 1.47
C MET A 153 -3.29 5.60 1.74
N HIS A 154 -4.27 6.17 2.43
CA HIS A 154 -4.28 7.59 2.72
C HIS A 154 -3.51 7.90 3.96
N TYR A 155 -2.58 8.86 3.88
CA TYR A 155 -1.90 9.38 5.06
C TYR A 155 -2.88 10.01 6.05
N GLY A 156 -2.55 9.91 7.33
CA GLY A 156 -3.26 10.67 8.36
C GLY A 156 -2.96 12.17 8.23
N ARG A 157 -3.78 13.00 8.86
CA ARG A 157 -3.66 14.45 8.73
C ARG A 157 -2.39 15.01 9.35
N ASP A 158 -1.79 14.24 10.25
CA ASP A 158 -0.58 14.64 10.97
C ASP A 158 0.68 13.91 10.50
N ALA A 159 0.59 13.21 9.38
CA ALA A 159 1.73 12.48 8.84
C ALA A 159 2.86 13.46 8.53
N PHE A 160 4.04 13.19 9.10
CA PHE A 160 5.23 14.03 8.92
C PHE A 160 5.04 15.51 9.31
N SER A 161 4.14 15.76 10.25
CA SER A 161 3.95 17.11 10.79
C SER A 161 5.16 17.54 11.60
N ILE A 162 5.58 18.79 11.42
CA ILE A 162 6.68 19.37 12.19
C ILE A 162 6.32 19.50 13.67
N ALA A 163 5.06 19.85 13.95
CA ALA A 163 4.63 20.12 15.33
C ALA A 163 3.15 19.77 15.51
N TYR A 164 2.77 19.46 16.75
CA TYR A 164 1.39 19.12 17.06
C TYR A 164 0.42 20.23 16.67
N GLY A 165 -0.72 19.82 16.12
CA GLY A 165 -1.80 20.77 15.80
C GLY A 165 -1.65 21.47 14.47
N ARG A 166 -0.51 21.28 13.81
CA ARG A 166 -0.31 21.84 12.48
C ARG A 166 -0.20 20.73 11.45
N ASP A 167 -1.35 20.43 10.86
CA ASP A 167 -1.55 19.27 10.02
C ASP A 167 -0.86 19.37 8.66
N SER A 168 -0.34 18.24 8.19
CA SER A 168 0.24 18.18 6.86
C SER A 168 -0.82 18.14 5.77
N ILE A 169 -1.98 17.55 6.08
CA ILE A 169 -3.07 17.39 5.11
C ILE A 169 -4.38 17.85 5.73
N THR A 170 -5.12 18.68 5.00
CA THR A 170 -6.46 19.09 5.41
C THR A 170 -7.47 18.73 4.32
N PRO A 171 -8.41 17.82 4.63
CA PRO A 171 -9.48 17.54 3.66
C PRO A 171 -10.31 18.79 3.36
N ILE A 172 -10.68 18.95 2.09
CA ILE A 172 -11.51 20.08 1.65
C ILE A 172 -12.71 19.55 0.86
N PRO A 173 -13.89 20.19 1.01
CA PRO A 173 -14.21 21.39 1.79
C PRO A 173 -14.56 21.11 3.24
N ASN A 174 -14.63 19.85 3.62
CA ASN A 174 -14.93 19.46 5.01
C ASN A 174 -13.68 18.90 5.69
N PRO A 175 -13.06 19.70 6.59
CA PRO A 175 -11.80 19.30 7.21
C PRO A 175 -11.95 18.14 8.21
N ASN A 176 -13.19 17.81 8.56
CA ASN A 176 -13.47 16.84 9.61
C ASN A 176 -13.59 15.39 9.15
N VAL A 177 -13.53 15.16 7.84
CA VAL A 177 -13.56 13.82 7.28
C VAL A 177 -12.31 13.06 7.75
N PRO A 178 -12.48 11.84 8.32
CA PRO A 178 -11.32 11.09 8.81
C PRO A 178 -10.42 10.60 7.68
N ILE A 179 -9.12 10.72 7.88
CA ILE A 179 -8.12 10.16 6.98
C ILE A 179 -7.05 9.43 7.78
N GLY A 180 -6.51 8.36 7.21
CA GLY A 180 -5.39 7.65 7.81
C GLY A 180 -5.71 6.34 8.51
N GLN A 181 -6.92 5.82 8.33
CA GLN A 181 -7.29 4.55 8.97
C GLN A 181 -6.36 3.42 8.51
N ARG A 182 -5.97 2.57 9.47
CA ARG A 182 -5.19 1.38 9.16
C ARG A 182 -5.87 0.14 9.77
N ASN A 183 -7.19 0.11 9.70
CA ASN A 183 -7.97 -1.01 10.20
C ASN A 183 -8.07 -2.12 9.17
N GLY A 184 -8.39 -1.76 7.94
CA GLY A 184 -8.55 -2.74 6.87
C GLY A 184 -8.73 -2.04 5.54
N MET A 185 -8.89 -2.83 4.49
CA MET A 185 -9.05 -2.29 3.15
C MET A 185 -10.46 -1.74 2.94
N SER A 186 -10.52 -0.57 2.30
CA SER A 186 -11.78 0.06 1.96
C SER A 186 -12.41 -0.61 0.75
N ARG A 187 -13.67 -0.29 0.49
CA ARG A 187 -14.36 -0.80 -0.68
C ARG A 187 -13.57 -0.45 -1.96
N TRP A 188 -13.12 0.79 -2.07
CA TRP A 188 -12.35 1.20 -3.24
C TRP A 188 -10.99 0.56 -3.31
N ASP A 189 -10.34 0.34 -2.16
CA ASP A 189 -9.08 -0.42 -2.14
C ASP A 189 -9.25 -1.79 -2.80
N ILE A 190 -10.30 -2.50 -2.39
CA ILE A 190 -10.60 -3.84 -2.92
C ILE A 190 -10.97 -3.78 -4.41
N THR A 191 -11.82 -2.83 -4.76
CA THR A 191 -12.25 -2.65 -6.15
C THR A 191 -11.05 -2.38 -7.07
N ARG A 192 -10.13 -1.53 -6.61
CA ARG A 192 -8.94 -1.19 -7.38
C ARG A 192 -8.06 -2.40 -7.69
N ILE A 193 -7.84 -3.25 -6.69
CA ILE A 193 -7.11 -4.51 -6.88
C ILE A 193 -7.78 -5.34 -7.97
N ASN A 194 -9.10 -5.48 -7.86
CA ASN A 194 -9.87 -6.30 -8.79
C ASN A 194 -9.88 -5.76 -10.21
N VAL A 195 -9.90 -4.44 -10.36
CA VAL A 195 -9.84 -3.81 -11.69
C VAL A 195 -8.44 -3.96 -12.29
N LEU A 196 -7.41 -3.62 -11.52
CA LEU A 196 -6.03 -3.67 -12.00
C LEU A 196 -5.62 -5.09 -12.43
N TYR A 197 -5.99 -6.07 -11.62
CA TYR A 197 -5.63 -7.46 -11.88
C TYR A 197 -6.72 -8.26 -12.58
N ASN A 198 -7.77 -7.57 -13.04
CA ASN A 198 -8.88 -8.18 -13.78
C ASN A 198 -9.44 -9.44 -13.11
N CYS A 199 -9.71 -9.33 -11.81
CA CYS A 199 -10.23 -10.45 -11.03
C CYS A 199 -11.71 -10.65 -11.33
N ARG A 200 -12.06 -11.91 -11.65
CA ARG A 200 -13.43 -12.29 -11.94
C ARG A 200 -13.88 -13.45 -11.06
ZN ZN B . 2.91 3.60 2.29
#